data_8UB1
#
_entry.id   8UB1
#
_cell.length_a   100.027
_cell.length_b   32.123
_cell.length_c   72.425
_cell.angle_alpha   90.00
_cell.angle_beta   90.71
_cell.angle_gamma   90.00
#
_symmetry.space_group_name_H-M   'C 1 2 1'
#
loop_
_entity.id
_entity.type
_entity.pdbx_description
1 polymer 'Ribonuclease pancreatic'
2 non-polymer "5'-O-[(R)-(butylamino)(hydroxy)phosphoryl]adenosine"
3 water water
#
_entity_poly.entity_id   1
_entity_poly.type   'polypeptide(L)'
_entity_poly.pdbx_seq_one_letter_code
;KETAAAKFERQHMDSSTSAASSSNYCNQMMKSRNLTKDRCKPVNTFVHESLADVQAVCSQKNVACKNGQTNCYQSYSTMS
ITDCRETGSSKYPNCAYKTTQANKHIIVACEGNPYVPVHFDASV
;
_entity_poly.pdbx_strand_id   A,B
#
loop_
_chem_comp.id
_chem_comp.type
_chem_comp.name
_chem_comp.formula
WFL non-polymer 5'-O-[(R)-(butylamino)(hydroxy)phosphoryl]adenosine 'C14 H23 N6 O6 P'
#
# COMPACT_ATOMS: atom_id res chain seq x y z
N LYS A 1 -10.93 15.79 0.26
CA LYS A 1 -10.28 15.49 -1.04
C LYS A 1 -8.79 15.20 -0.79
N GLU A 2 -8.26 14.18 -1.47
CA GLU A 2 -6.87 13.75 -1.32
C GLU A 2 -5.97 14.98 -1.43
N THR A 3 -4.98 15.08 -0.53
CA THR A 3 -4.04 16.20 -0.59
C THR A 3 -3.11 15.94 -1.77
N ALA A 4 -2.58 17.00 -2.38
CA ALA A 4 -1.64 16.82 -3.48
C ALA A 4 -0.41 16.05 -2.98
N ALA A 5 0.01 16.28 -1.75
CA ALA A 5 1.12 15.51 -1.20
C ALA A 5 0.76 14.03 -1.16
N ALA A 6 -0.47 13.68 -0.73
CA ALA A 6 -0.79 12.27 -0.62
C ALA A 6 -0.94 11.64 -2.00
N LYS A 7 -1.52 12.40 -2.94
CA LYS A 7 -1.63 11.96 -4.32
C LYS A 7 -0.25 11.67 -4.88
N PHE A 8 0.74 12.54 -4.61
CA PHE A 8 2.10 12.25 -5.05
C PHE A 8 2.58 10.93 -4.49
N GLU A 9 2.28 10.64 -3.21
CA GLU A 9 2.79 9.41 -2.64
C GLU A 9 2.09 8.23 -3.30
N ARG A 10 0.82 8.38 -3.60
CA ARG A 10 0.07 7.30 -4.20
C ARG A 10 0.60 7.06 -5.60
N GLN A 11 0.85 8.14 -6.34
CA GLN A 11 1.18 7.98 -7.75
C GLN A 11 2.66 7.60 -7.94
N HIS A 12 3.55 8.03 -7.04
CA HIS A 12 4.95 8.05 -7.38
C HIS A 12 5.91 7.44 -6.38
N MET A 13 5.44 7.09 -5.17
CA MET A 13 6.30 6.52 -4.16
C MET A 13 6.05 5.02 -4.05
N ASP A 14 7.14 4.25 -4.15
CA ASP A 14 7.11 2.84 -3.78
C ASP A 14 8.43 2.51 -3.06
N SER A 15 8.47 2.84 -1.76
CA SER A 15 9.67 2.69 -0.95
C SER A 15 9.93 1.24 -0.56
N SER A 16 9.05 0.32 -0.97
CA SER A 16 9.25 -1.11 -0.71
C SER A 16 10.58 -1.57 -1.27
N THR A 17 10.64 -1.79 -2.60
CA THR A 17 11.76 -2.44 -3.26
C THR A 17 12.85 -1.42 -3.56
N SER A 18 14.03 -1.94 -3.93
CA SER A 18 15.15 -1.14 -4.42
C SER A 18 15.05 -0.96 -5.93
N ALA A 19 14.15 -1.72 -6.58
CA ALA A 19 14.03 -1.71 -8.03
C ALA A 19 12.72 -2.35 -8.43
N ALA A 20 12.48 -2.44 -9.75
CA ALA A 20 11.43 -3.29 -10.29
C ALA A 20 12.04 -4.66 -10.50
N SER A 21 11.36 -5.69 -9.99
CA SER A 21 11.89 -7.04 -10.04
C SER A 21 11.37 -7.76 -11.28
N SER A 22 10.06 -7.64 -11.52
CA SER A 22 9.37 -8.34 -12.59
C SER A 22 8.98 -7.36 -13.70
N SER A 23 8.54 -7.90 -14.84
CA SER A 23 8.24 -7.11 -16.02
C SER A 23 6.78 -6.66 -16.01
N ASN A 24 5.97 -7.18 -15.07
CA ASN A 24 4.59 -6.75 -14.93
C ASN A 24 4.38 -6.01 -13.60
N TYR A 25 5.47 -5.57 -12.98
CA TYR A 25 5.42 -4.64 -11.85
C TYR A 25 4.46 -3.50 -12.17
N CYS A 26 4.72 -2.84 -13.32
CA CYS A 26 3.90 -1.71 -13.75
C CYS A 26 2.44 -2.14 -13.91
N ASN A 27 2.18 -3.28 -14.56
CA ASN A 27 0.79 -3.70 -14.71
C ASN A 27 0.14 -3.77 -13.34
N GLN A 28 0.90 -4.25 -12.35
CA GLN A 28 0.36 -4.51 -11.02
C GLN A 28 0.30 -3.22 -10.20
N MET A 29 1.38 -2.42 -10.26
CA MET A 29 1.47 -1.17 -9.51
C MET A 29 0.47 -0.14 -10.03
N MET A 30 0.36 -0.01 -11.36
CA MET A 30 -0.57 0.93 -11.96
C MET A 30 -2.02 0.60 -11.56
N LYS A 31 -2.32 -0.69 -11.35
CA LYS A 31 -3.63 -1.05 -10.83
C LYS A 31 -3.82 -0.68 -9.36
N SER A 32 -2.84 -1.00 -8.51
CA SER A 32 -3.04 -1.00 -7.07
C SER A 32 -2.98 0.42 -6.51
N ARG A 33 -2.49 1.37 -7.32
CA ARG A 33 -2.49 2.78 -6.94
C ARG A 33 -3.61 3.54 -7.65
N ASN A 34 -4.56 2.82 -8.27
CA ASN A 34 -5.79 3.41 -8.77
C ASN A 34 -5.49 4.26 -10.02
N LEU A 35 -4.49 3.86 -10.80
CA LEU A 35 -4.08 4.62 -11.97
C LEU A 35 -4.54 3.91 -13.25
N THR A 36 -5.33 2.84 -13.11
CA THR A 36 -6.04 2.26 -14.25
C THR A 36 -7.53 2.16 -13.94
N LYS A 37 -8.03 3.07 -13.08
CA LYS A 37 -9.41 3.08 -12.62
C LYS A 37 -10.37 3.31 -13.78
N ASP A 38 -10.40 4.53 -14.28
CA ASP A 38 -11.39 4.97 -15.25
C ASP A 38 -10.79 4.84 -16.65
N ARG A 39 -9.50 5.18 -16.75
CA ARG A 39 -8.72 5.08 -17.97
C ARG A 39 -7.34 4.58 -17.60
N CYS A 40 -6.53 4.21 -18.60
CA CYS A 40 -5.16 3.82 -18.35
C CYS A 40 -4.33 5.08 -18.34
N LYS A 41 -3.75 5.43 -17.19
CA LYS A 41 -2.81 6.53 -17.16
C LYS A 41 -1.63 6.13 -18.04
N PRO A 42 -1.31 6.87 -19.13
CA PRO A 42 -0.29 6.38 -20.06
C PRO A 42 1.14 6.27 -19.55
N VAL A 43 1.54 7.24 -18.72
CA VAL A 43 2.93 7.34 -18.31
C VAL A 43 2.97 7.67 -16.83
N ASN A 44 3.88 7.02 -16.11
CA ASN A 44 3.97 7.20 -14.68
C ASN A 44 5.27 6.62 -14.16
N THR A 45 5.83 7.33 -13.20
CA THR A 45 7.09 6.94 -12.61
C THR A 45 6.88 6.66 -11.13
N PHE A 46 7.48 5.55 -10.68
CA PHE A 46 7.62 5.17 -9.27
C PHE A 46 9.05 5.34 -8.78
N VAL A 47 9.19 5.96 -7.59
CA VAL A 47 10.50 6.20 -7.02
C VAL A 47 10.74 5.19 -5.91
N HIS A 48 11.91 4.52 -5.96
CA HIS A 48 12.28 3.46 -5.04
C HIS A 48 13.35 3.95 -4.06
N GLU A 49 13.02 5.03 -3.36
CA GLU A 49 13.81 5.55 -2.27
C GLU A 49 12.89 5.81 -1.08
N SER A 50 13.50 6.11 0.08
CA SER A 50 12.71 6.48 1.23
C SER A 50 11.92 7.75 0.95
N LEU A 51 10.81 7.91 1.66
CA LEU A 51 10.01 9.11 1.57
C LEU A 51 10.84 10.29 2.05
N ALA A 52 11.61 10.05 3.10
CA ALA A 52 12.47 11.11 3.60
C ALA A 52 13.42 11.64 2.52
N ASP A 53 14.07 10.72 1.81
CA ASP A 53 15.02 11.08 0.77
C ASP A 53 14.32 11.84 -0.36
N VAL A 54 13.10 11.41 -0.71
CA VAL A 54 12.37 12.09 -1.79
C VAL A 54 11.94 13.48 -1.32
N GLN A 55 11.39 13.58 -0.11
CA GLN A 55 11.00 14.87 0.45
C GLN A 55 12.19 15.84 0.49
N ALA A 56 13.38 15.31 0.77
CA ALA A 56 14.59 16.12 0.86
C ALA A 56 14.93 16.80 -0.46
N VAL A 57 14.40 16.28 -1.58
CA VAL A 57 14.67 16.90 -2.86
C VAL A 57 14.20 18.35 -2.89
N CYS A 58 13.15 18.65 -2.09
CA CYS A 58 12.63 19.99 -1.98
C CYS A 58 13.64 20.98 -1.41
N SER A 59 14.79 20.50 -0.91
CA SER A 59 15.84 21.40 -0.46
C SER A 59 17.10 21.24 -1.32
N GLN A 60 16.95 20.69 -2.53
CA GLN A 60 18.11 20.49 -3.40
C GLN A 60 18.13 21.49 -4.56
N LYS A 61 18.32 21.03 -5.79
CA LYS A 61 18.69 21.92 -6.88
C LYS A 61 17.44 22.55 -7.46
N ASN A 62 17.22 23.81 -7.15
CA ASN A 62 16.05 24.51 -7.63
C ASN A 62 16.13 24.69 -9.15
N VAL A 63 15.03 24.38 -9.83
CA VAL A 63 14.91 24.50 -11.28
C VAL A 63 13.49 24.92 -11.65
N ALA A 64 13.34 25.45 -12.86
CA ALA A 64 12.01 25.70 -13.41
C ALA A 64 11.25 24.40 -13.64
N CYS A 65 9.94 24.43 -13.36
CA CYS A 65 9.04 23.34 -13.75
C CYS A 65 8.74 23.41 -15.23
N LYS A 66 8.22 22.32 -15.81
CA LYS A 66 7.88 22.35 -17.24
C LYS A 66 6.82 23.40 -17.53
N ASN A 67 6.00 23.72 -16.53
CA ASN A 67 4.95 24.73 -16.69
C ASN A 67 5.47 26.14 -16.45
N GLY A 68 6.77 26.31 -16.17
CA GLY A 68 7.37 27.63 -16.00
C GLY A 68 7.34 28.20 -14.59
N GLN A 69 6.62 27.55 -13.64
CA GLN A 69 6.79 27.89 -12.23
C GLN A 69 8.20 27.55 -11.76
N THR A 70 8.65 28.12 -10.63
CA THR A 70 10.03 27.95 -10.20
C THR A 70 10.13 27.22 -8.86
N ASN A 71 9.13 26.38 -8.55
CA ASN A 71 9.13 25.62 -7.30
C ASN A 71 9.44 24.15 -7.58
N CYS A 72 10.20 23.90 -8.64
CA CYS A 72 10.69 22.55 -8.90
C CYS A 72 12.11 22.37 -8.37
N TYR A 73 12.49 21.11 -8.19
CA TYR A 73 13.77 20.76 -7.62
C TYR A 73 14.26 19.45 -8.24
N GLN A 74 15.53 19.44 -8.58
CA GLN A 74 16.18 18.28 -9.14
C GLN A 74 16.98 17.61 -8.03
N SER A 75 16.80 16.31 -7.90
CA SER A 75 17.53 15.57 -6.90
C SER A 75 19.03 15.67 -7.23
N TYR A 76 19.85 15.95 -6.22
CA TYR A 76 21.28 15.94 -6.45
C TYR A 76 21.80 14.55 -6.80
N SER A 77 21.26 13.52 -6.14
CA SER A 77 21.61 12.13 -6.40
C SER A 77 20.69 11.52 -7.48
N THR A 78 21.22 10.53 -8.21
CA THR A 78 20.35 9.62 -8.93
C THR A 78 19.59 8.79 -7.92
N MET A 79 18.38 8.38 -8.33
CA MET A 79 17.51 7.55 -7.51
C MET A 79 17.07 6.35 -8.32
N SER A 80 16.84 5.26 -7.61
CA SER A 80 16.14 4.13 -8.17
C SER A 80 14.69 4.50 -8.51
N ILE A 81 14.37 4.45 -9.81
CA ILE A 81 13.02 4.66 -10.30
C ILE A 81 12.62 3.57 -11.28
N THR A 82 11.31 3.43 -11.47
CA THR A 82 10.71 2.59 -12.48
C THR A 82 9.80 3.44 -13.35
N ASP A 83 10.10 3.51 -14.65
CA ASP A 83 9.23 4.16 -15.61
C ASP A 83 8.23 3.16 -16.17
N CYS A 84 6.94 3.50 -16.02
CA CYS A 84 5.86 2.71 -16.55
C CYS A 84 5.28 3.46 -17.74
N ARG A 85 5.26 2.84 -18.91
CA ARG A 85 4.66 3.48 -20.06
C ARG A 85 3.74 2.47 -20.76
N GLU A 86 2.50 2.90 -20.99
CA GLU A 86 1.50 2.04 -21.58
C GLU A 86 2.01 1.62 -22.97
N THR A 87 1.73 0.37 -23.33
CA THR A 87 2.10 -0.19 -24.62
C THR A 87 1.22 0.39 -25.72
N GLY A 88 1.66 0.25 -26.97
CA GLY A 88 0.90 0.79 -28.09
C GLY A 88 -0.44 0.08 -28.29
N SER A 89 -0.55 -1.16 -27.81
CA SER A 89 -1.72 -2.00 -28.04
C SER A 89 -2.68 -1.95 -26.84
N SER A 90 -2.21 -1.43 -25.70
CA SER A 90 -2.98 -1.38 -24.47
C SER A 90 -4.35 -0.72 -24.68
N LYS A 91 -5.40 -1.36 -24.15
CA LYS A 91 -6.77 -0.90 -24.28
C LYS A 91 -7.43 -1.01 -22.91
N TYR A 92 -7.92 0.12 -22.41
CA TYR A 92 -8.75 0.11 -21.22
C TYR A 92 -9.94 -0.81 -21.47
N PRO A 93 -10.35 -1.68 -20.51
CA PRO A 93 -9.82 -1.71 -19.16
C PRO A 93 -8.64 -2.64 -18.88
N ASN A 94 -8.12 -3.31 -19.90
CA ASN A 94 -6.95 -4.15 -19.70
C ASN A 94 -5.71 -3.32 -20.03
N CYS A 95 -5.30 -2.50 -19.06
CA CYS A 95 -4.19 -1.58 -19.21
C CYS A 95 -2.86 -2.34 -19.11
N ALA A 96 -2.02 -2.18 -20.15
CA ALA A 96 -0.75 -2.89 -20.25
C ALA A 96 0.39 -1.87 -20.37
N TYR A 97 1.49 -2.16 -19.66
CA TYR A 97 2.63 -1.26 -19.52
C TYR A 97 3.94 -1.99 -19.79
N LYS A 98 4.93 -1.27 -20.31
CA LYS A 98 6.30 -1.73 -20.18
C LYS A 98 6.85 -1.15 -18.90
N THR A 99 7.70 -1.95 -18.23
CA THR A 99 8.42 -1.57 -17.02
C THR A 99 9.89 -1.39 -17.41
N THR A 100 10.42 -0.19 -17.15
CA THR A 100 11.83 0.11 -17.37
C THR A 100 12.43 0.63 -16.08
N GLN A 101 13.34 -0.16 -15.49
CA GLN A 101 14.05 0.24 -14.28
C GLN A 101 15.20 1.15 -14.69
N ALA A 102 15.48 2.18 -13.88
CA ALA A 102 16.58 3.07 -14.19
C ALA A 102 17.05 3.77 -12.91
N ASN A 103 18.26 4.33 -12.97
CA ASN A 103 18.74 5.20 -11.91
C ASN A 103 18.94 6.58 -12.52
N LYS A 104 18.06 7.52 -12.16
CA LYS A 104 18.05 8.85 -12.75
C LYS A 104 17.75 9.89 -11.66
N HIS A 105 18.09 11.13 -11.93
CA HIS A 105 17.68 12.24 -11.06
C HIS A 105 16.20 12.48 -11.30
N ILE A 106 15.49 12.84 -10.24
CA ILE A 106 14.07 13.18 -10.33
C ILE A 106 13.89 14.69 -10.19
N ILE A 107 12.86 15.22 -10.87
CA ILE A 107 12.45 16.61 -10.75
C ILE A 107 11.02 16.64 -10.27
N VAL A 108 10.84 17.32 -9.13
CA VAL A 108 9.57 17.36 -8.43
C VAL A 108 9.25 18.80 -8.10
N ALA A 109 7.95 19.10 -8.08
CA ALA A 109 7.43 20.37 -7.64
C ALA A 109 7.06 20.24 -6.18
N CYS A 110 7.45 21.25 -5.42
CA CYS A 110 7.24 21.16 -3.99
C CYS A 110 6.40 22.32 -3.54
N GLU A 111 5.56 22.06 -2.54
CA GLU A 111 4.60 23.03 -2.10
C GLU A 111 4.12 22.63 -0.71
N GLY A 112 3.80 23.64 0.09
CA GLY A 112 3.02 23.46 1.29
C GLY A 112 3.89 23.37 2.52
N ASN A 113 3.24 23.19 3.67
CA ASN A 113 3.95 23.09 4.92
C ASN A 113 3.44 21.83 5.61
N PRO A 114 4.21 20.72 5.66
CA PRO A 114 5.62 20.70 5.29
C PRO A 114 5.81 20.87 3.79
N TYR A 115 7.01 21.33 3.40
CA TYR A 115 7.31 21.56 2.00
C TYR A 115 7.78 20.27 1.36
N VAL A 116 6.86 19.64 0.62
CA VAL A 116 7.06 18.30 0.10
C VAL A 116 6.63 18.23 -1.36
N PRO A 117 6.92 17.11 -2.03
CA PRO A 117 6.57 16.96 -3.46
C PRO A 117 5.08 16.86 -3.67
N VAL A 118 4.61 17.63 -4.64
CA VAL A 118 3.21 17.61 -4.99
C VAL A 118 3.05 17.18 -6.44
N HIS A 119 4.15 17.08 -7.20
CA HIS A 119 4.04 16.76 -8.62
C HIS A 119 5.35 16.17 -9.05
N PHE A 120 5.29 15.12 -9.89
CA PHE A 120 6.50 14.57 -10.48
C PHE A 120 6.68 15.21 -11.86
N ASP A 121 7.75 15.96 -12.06
CA ASP A 121 7.88 16.76 -13.27
C ASP A 121 8.59 15.97 -14.37
N ALA A 122 9.65 15.26 -14.03
CA ALA A 122 10.48 14.52 -14.97
C ALA A 122 11.51 13.71 -14.21
N SER A 123 12.22 12.88 -14.97
CA SER A 123 13.48 12.32 -14.53
C SER A 123 14.53 12.67 -15.58
N VAL A 124 15.76 12.84 -15.15
CA VAL A 124 16.84 13.21 -16.04
C VAL A 124 18.01 12.25 -15.81
N GLU B 2 8.02 -17.87 16.10
CA GLU B 2 7.12 -17.25 15.09
C GLU B 2 7.44 -15.76 14.98
N THR B 3 7.75 -15.28 13.77
CA THR B 3 8.05 -13.83 13.57
C THR B 3 6.75 -13.04 13.68
N ALA B 4 6.88 -11.73 13.88
CA ALA B 4 5.69 -10.86 14.01
C ALA B 4 4.95 -10.89 12.68
N ALA B 5 5.69 -10.93 11.58
CA ALA B 5 5.08 -10.97 10.26
C ALA B 5 4.31 -12.28 10.12
N ALA B 6 4.92 -13.39 10.56
CA ALA B 6 4.25 -14.68 10.45
C ALA B 6 3.03 -14.74 11.36
N LYS B 7 3.06 -14.05 12.51
CA LYS B 7 1.88 -14.01 13.37
C LYS B 7 0.78 -13.28 12.61
N PHE B 8 1.13 -12.17 11.94
CA PHE B 8 0.16 -11.44 11.15
C PHE B 8 -0.45 -12.38 10.09
N GLU B 9 0.39 -13.18 9.45
CA GLU B 9 -0.07 -14.11 8.42
C GLU B 9 -1.03 -15.13 9.04
N ARG B 10 -0.66 -15.67 10.21
CA ARG B 10 -1.48 -16.69 10.86
C ARG B 10 -2.82 -16.11 11.25
N GLN B 11 -2.79 -14.91 11.84
CA GLN B 11 -3.96 -14.27 12.38
C GLN B 11 -4.83 -13.58 11.32
N HIS B 12 -4.28 -13.18 10.17
CA HIS B 12 -5.04 -12.25 9.33
C HIS B 12 -5.09 -12.59 7.85
N MET B 13 -4.31 -13.56 7.38
CA MET B 13 -4.22 -13.81 5.96
C MET B 13 -4.99 -15.09 5.62
N ASP B 14 -5.93 -14.95 4.68
CA ASP B 14 -6.63 -16.09 4.11
C ASP B 14 -6.96 -15.83 2.64
N SER B 15 -5.91 -15.92 1.80
CA SER B 15 -5.98 -15.65 0.37
C SER B 15 -6.77 -16.78 -0.30
N SER B 16 -6.81 -17.90 0.42
CA SER B 16 -7.35 -19.18 -0.01
C SER B 16 -8.78 -19.10 -0.57
N THR B 17 -9.59 -18.16 -0.08
CA THR B 17 -10.83 -17.78 -0.74
C THR B 17 -10.84 -16.27 -0.95
N SER B 18 -11.90 -15.78 -1.59
CA SER B 18 -12.05 -14.36 -1.89
C SER B 18 -13.33 -13.80 -1.27
N ALA B 19 -13.90 -14.52 -0.29
CA ALA B 19 -15.19 -14.16 0.29
C ALA B 19 -15.29 -14.69 1.72
N SER B 23 -21.38 -19.16 6.71
CA SER B 23 -22.00 -18.62 7.95
C SER B 23 -21.16 -18.95 9.19
N ASN B 24 -20.46 -20.09 9.17
CA ASN B 24 -19.62 -20.55 10.28
C ASN B 24 -18.14 -20.56 9.88
N TYR B 25 -17.74 -19.68 8.96
CA TYR B 25 -16.33 -19.50 8.62
C TYR B 25 -15.51 -19.12 9.86
N CYS B 26 -16.03 -18.19 10.66
CA CYS B 26 -15.26 -17.65 11.76
C CYS B 26 -15.00 -18.72 12.82
N ASN B 27 -15.99 -19.58 13.09
CA ASN B 27 -15.84 -20.59 14.14
C ASN B 27 -14.65 -21.48 13.80
N GLN B 28 -14.56 -21.95 12.54
CA GLN B 28 -13.50 -22.86 12.11
C GLN B 28 -12.11 -22.21 12.03
N MET B 29 -12.06 -20.96 11.55
CA MET B 29 -10.82 -20.24 11.30
C MET B 29 -10.23 -19.69 12.59
N MET B 30 -11.06 -19.10 13.44
CA MET B 30 -10.55 -18.68 14.74
C MET B 30 -9.94 -19.90 15.43
N LYS B 31 -10.61 -21.05 15.26
CA LYS B 31 -10.13 -22.32 15.79
C LYS B 31 -8.78 -22.70 15.16
N SER B 32 -8.77 -22.91 13.82
CA SER B 32 -7.66 -23.53 13.11
C SER B 32 -6.41 -22.66 13.11
N ARG B 33 -6.60 -21.34 13.24
CA ARG B 33 -5.49 -20.40 13.28
C ARG B 33 -5.03 -20.15 14.73
N ASN B 34 -5.62 -20.90 15.67
CA ASN B 34 -5.16 -20.99 17.06
C ASN B 34 -5.42 -19.67 17.79
N LEU B 35 -6.58 -19.06 17.50
CA LEU B 35 -7.00 -17.82 18.13
C LEU B 35 -8.04 -18.11 19.21
N THR B 36 -8.37 -19.39 19.39
CA THR B 36 -9.27 -19.82 20.45
C THR B 36 -8.51 -20.70 21.45
N LYS B 37 -7.17 -20.65 21.39
CA LYS B 37 -6.32 -21.66 21.99
C LYS B 37 -6.38 -21.53 23.51
N ASP B 38 -6.07 -20.33 23.97
CA ASP B 38 -6.05 -19.99 25.38
C ASP B 38 -7.39 -19.37 25.74
N ARG B 39 -7.70 -18.24 25.10
CA ARG B 39 -8.97 -17.54 25.26
C ARG B 39 -9.58 -17.31 23.89
N CYS B 40 -10.89 -17.01 23.83
CA CYS B 40 -11.52 -16.59 22.59
C CYS B 40 -11.05 -15.19 22.21
N LYS B 41 -10.23 -15.06 21.14
CA LYS B 41 -9.93 -13.73 20.64
C LYS B 41 -11.28 -13.09 20.32
N PRO B 42 -11.58 -11.92 20.90
CA PRO B 42 -12.91 -11.32 20.78
C PRO B 42 -13.25 -10.76 19.39
N VAL B 43 -12.27 -10.15 18.72
CA VAL B 43 -12.47 -9.62 17.37
C VAL B 43 -11.25 -9.98 16.53
N ASN B 44 -11.49 -10.31 15.27
CA ASN B 44 -10.40 -10.60 14.35
C ASN B 44 -10.88 -10.48 12.90
N THR B 45 -9.96 -10.05 12.03
CA THR B 45 -10.28 -9.86 10.63
C THR B 45 -9.34 -10.71 9.80
N PHE B 46 -9.88 -11.38 8.79
CA PHE B 46 -9.07 -12.06 7.79
C PHE B 46 -9.22 -11.35 6.46
N VAL B 47 -8.14 -11.35 5.69
CA VAL B 47 -8.05 -10.65 4.43
C VAL B 47 -7.84 -11.68 3.33
N HIS B 48 -8.76 -11.68 2.38
CA HIS B 48 -8.77 -12.56 1.21
C HIS B 48 -8.25 -11.82 -0.02
N GLU B 49 -7.02 -11.37 0.09
CA GLU B 49 -6.23 -10.91 -1.04
C GLU B 49 -4.89 -11.63 -0.96
N SER B 50 -4.07 -11.49 -2.02
CA SER B 50 -2.75 -12.09 -2.04
C SER B 50 -1.91 -11.54 -0.88
N LEU B 51 -0.98 -12.34 -0.39
CA LEU B 51 0.06 -11.83 0.49
C LEU B 51 0.77 -10.63 -0.13
N ALA B 52 1.10 -10.69 -1.43
CA ALA B 52 1.84 -9.57 -2.03
C ALA B 52 1.02 -8.27 -1.92
N ASP B 53 -0.27 -8.35 -2.25
CA ASP B 53 -1.17 -7.20 -2.22
C ASP B 53 -1.24 -6.61 -0.81
N VAL B 54 -1.29 -7.46 0.22
CA VAL B 54 -1.37 -6.98 1.59
C VAL B 54 -0.04 -6.37 2.01
N GLN B 55 1.09 -7.04 1.69
CA GLN B 55 2.42 -6.49 1.96
C GLN B 55 2.60 -5.12 1.33
N ALA B 56 2.04 -4.97 0.13
CA ALA B 56 2.15 -3.73 -0.63
C ALA B 56 1.56 -2.56 0.14
N VAL B 57 0.67 -2.84 1.10
CA VAL B 57 -0.06 -1.78 1.79
C VAL B 57 0.92 -1.00 2.67
N CYS B 58 2.05 -1.62 3.02
CA CYS B 58 3.09 -0.95 3.78
C CYS B 58 3.72 0.24 3.04
N SER B 59 3.46 0.38 1.73
CA SER B 59 3.96 1.50 0.96
C SER B 59 2.83 2.40 0.46
N GLN B 60 1.63 2.28 1.04
CA GLN B 60 0.45 2.99 0.63
C GLN B 60 0.18 4.15 1.61
N LYS B 61 -1.07 4.41 1.94
CA LYS B 61 -1.39 5.69 2.55
C LYS B 61 -1.07 5.64 4.03
N ASN B 62 -0.08 6.44 4.46
CA ASN B 62 0.33 6.47 5.85
C ASN B 62 -0.76 7.17 6.65
N VAL B 63 -1.18 6.51 7.74
CA VAL B 63 -2.21 7.03 8.64
C VAL B 63 -1.84 6.70 10.08
N ALA B 64 -2.34 7.49 11.02
CA ALA B 64 -2.05 7.21 12.42
C ALA B 64 -2.70 5.88 12.80
N CYS B 65 -2.00 5.10 13.63
CA CYS B 65 -2.56 3.93 14.27
C CYS B 65 -3.43 4.32 15.47
N LYS B 66 -4.36 3.44 15.81
CA LYS B 66 -5.30 3.64 16.91
C LYS B 66 -4.57 3.96 18.21
N ASN B 67 -3.41 3.33 18.38
CA ASN B 67 -2.60 3.50 19.59
C ASN B 67 -1.69 4.72 19.49
N GLY B 68 -1.77 5.51 18.41
CA GLY B 68 -1.01 6.74 18.33
C GLY B 68 0.34 6.64 17.61
N GLN B 69 0.80 5.43 17.32
CA GLN B 69 2.01 5.30 16.52
C GLN B 69 1.71 5.74 15.09
N THR B 70 2.76 5.96 14.31
CA THR B 70 2.65 6.61 13.01
C THR B 70 2.88 5.61 11.89
N ASN B 71 2.94 4.32 12.23
CA ASN B 71 3.47 3.34 11.29
C ASN B 71 2.33 2.50 10.72
N CYS B 72 1.15 3.10 10.56
CA CYS B 72 -0.01 2.42 9.98
C CYS B 72 -0.27 2.91 8.58
N TYR B 73 -0.86 2.02 7.79
CA TYR B 73 -0.99 2.24 6.37
C TYR B 73 -2.36 1.76 5.93
N GLN B 74 -2.99 2.59 5.10
CA GLN B 74 -4.31 2.28 4.62
C GLN B 74 -4.25 1.89 3.13
N SER B 75 -4.97 0.81 2.77
CA SER B 75 -4.95 0.33 1.40
C SER B 75 -5.64 1.34 0.47
N TYR B 76 -5.08 1.54 -0.71
CA TYR B 76 -5.70 2.42 -1.69
C TYR B 76 -6.95 1.78 -2.27
N SER B 77 -6.95 0.46 -2.34
CA SER B 77 -8.10 -0.27 -2.85
C SER B 77 -8.89 -0.89 -1.69
N THR B 78 -10.20 -1.01 -1.89
CA THR B 78 -10.98 -1.88 -1.02
C THR B 78 -10.52 -3.33 -1.22
N MET B 79 -10.58 -4.08 -0.14
CA MET B 79 -10.11 -5.46 -0.12
C MET B 79 -11.22 -6.34 0.47
N SER B 80 -11.30 -7.57 -0.05
CA SER B 80 -12.20 -8.57 0.48
C SER B 80 -11.71 -9.00 1.86
N ILE B 81 -12.56 -8.83 2.89
CA ILE B 81 -12.26 -9.23 4.26
C ILE B 81 -13.44 -9.97 4.89
N THR B 82 -13.12 -10.67 5.98
CA THR B 82 -14.11 -11.30 6.84
C THR B 82 -13.79 -10.84 8.28
N ASP B 83 -14.76 -10.18 8.93
CA ASP B 83 -14.67 -9.87 10.36
C ASP B 83 -15.31 -10.98 11.18
N CYS B 84 -14.65 -11.33 12.29
CA CYS B 84 -15.16 -12.31 13.24
C CYS B 84 -15.38 -11.64 14.59
N ARG B 85 -16.60 -11.74 15.11
CA ARG B 85 -16.95 -11.10 16.37
C ARG B 85 -17.56 -12.14 17.30
N GLU B 86 -16.98 -12.29 18.50
CA GLU B 86 -17.47 -13.26 19.47
C GLU B 86 -18.97 -13.00 19.70
N THR B 87 -19.79 -14.06 19.75
CA THR B 87 -21.22 -13.92 19.95
C THR B 87 -21.53 -13.72 21.43
N GLY B 88 -22.76 -13.28 21.71
CA GLY B 88 -23.26 -13.13 23.06
C GLY B 88 -23.03 -14.37 23.92
N SER B 89 -23.41 -15.55 23.41
CA SER B 89 -23.36 -16.78 24.17
C SER B 89 -22.18 -17.65 23.73
N SER B 90 -21.01 -17.01 23.55
CA SER B 90 -19.78 -17.74 23.28
C SER B 90 -19.14 -18.14 24.59
N LYS B 91 -19.33 -19.42 24.95
CA LYS B 91 -18.85 -19.96 26.20
C LYS B 91 -17.58 -20.77 25.92
N TYR B 92 -16.42 -20.13 26.11
CA TYR B 92 -15.15 -20.82 25.91
C TYR B 92 -15.26 -22.21 26.53
N PRO B 93 -14.81 -23.31 25.87
CA PRO B 93 -14.06 -23.28 24.60
C PRO B 93 -14.85 -23.27 23.29
N ASN B 94 -16.12 -23.65 23.34
CA ASN B 94 -16.97 -23.60 22.16
C ASN B 94 -17.15 -22.13 21.80
N CYS B 95 -16.07 -21.54 21.30
CA CYS B 95 -16.09 -20.15 20.88
C CYS B 95 -17.03 -20.03 19.68
N ALA B 96 -18.00 -19.14 19.81
CA ALA B 96 -18.93 -18.86 18.73
C ALA B 96 -18.71 -17.41 18.31
N TYR B 97 -18.68 -17.22 16.98
CA TYR B 97 -18.37 -15.94 16.36
C TYR B 97 -19.44 -15.62 15.32
N LYS B 98 -19.81 -14.34 15.21
CA LYS B 98 -20.62 -13.87 14.10
C LYS B 98 -19.66 -13.57 12.95
N THR B 99 -20.01 -14.05 11.75
CA THR B 99 -19.21 -13.84 10.55
C THR B 99 -19.83 -12.68 9.77
N THR B 100 -18.98 -11.71 9.39
CA THR B 100 -19.41 -10.55 8.62
C THR B 100 -18.43 -10.34 7.47
N GLN B 101 -18.89 -10.59 6.23
CA GLN B 101 -18.12 -10.38 5.01
C GLN B 101 -18.25 -8.91 4.59
N ALA B 102 -17.16 -8.34 4.05
CA ALA B 102 -17.20 -6.96 3.59
C ALA B 102 -16.08 -6.69 2.60
N ASN B 103 -16.16 -5.52 1.98
CA ASN B 103 -15.13 -5.01 1.09
C ASN B 103 -14.77 -3.61 1.56
N LYS B 104 -13.57 -3.52 2.16
CA LYS B 104 -13.19 -2.30 2.84
C LYS B 104 -11.70 -2.02 2.66
N HIS B 105 -11.32 -0.77 2.92
CA HIS B 105 -9.92 -0.43 2.98
C HIS B 105 -9.38 -0.99 4.28
N ILE B 106 -8.21 -1.63 4.19
CA ILE B 106 -7.61 -2.15 5.42
C ILE B 106 -6.56 -1.18 5.94
N ILE B 107 -6.35 -1.22 7.27
CA ILE B 107 -5.28 -0.48 7.89
C ILE B 107 -4.42 -1.46 8.71
N VAL B 108 -3.15 -1.55 8.32
CA VAL B 108 -2.19 -2.39 9.01
C VAL B 108 -1.05 -1.53 9.51
N ALA B 109 -0.41 -2.02 10.58
CA ALA B 109 0.84 -1.46 11.05
C ALA B 109 1.96 -2.31 10.45
N CYS B 110 3.04 -1.64 10.04
CA CYS B 110 4.19 -2.25 9.42
C CYS B 110 5.43 -1.95 10.27
N GLU B 111 6.35 -2.88 10.24
CA GLU B 111 7.59 -2.82 10.99
C GLU B 111 8.61 -3.69 10.29
N GLY B 112 9.87 -3.45 10.63
CA GLY B 112 10.95 -4.34 10.27
C GLY B 112 11.67 -3.97 8.98
N ASN B 113 12.72 -4.78 8.78
CA ASN B 113 13.54 -4.77 7.58
C ASN B 113 13.64 -6.22 7.13
N PRO B 114 12.81 -6.69 6.17
CA PRO B 114 11.90 -5.83 5.42
C PRO B 114 10.67 -5.28 6.16
N TYR B 115 10.11 -4.21 5.60
CA TYR B 115 8.98 -3.51 6.20
C TYR B 115 7.68 -4.15 5.74
N VAL B 116 7.02 -4.81 6.69
CA VAL B 116 5.96 -5.76 6.41
C VAL B 116 4.87 -5.63 7.48
N PRO B 117 3.63 -6.11 7.20
CA PRO B 117 2.54 -5.98 8.17
C PRO B 117 2.78 -6.85 9.39
N VAL B 118 2.59 -6.28 10.57
CA VAL B 118 2.78 -6.99 11.82
C VAL B 118 1.52 -6.85 12.67
N HIS B 119 0.57 -5.99 12.29
CA HIS B 119 -0.62 -5.77 13.10
C HIS B 119 -1.75 -5.31 12.17
N PHE B 120 -2.95 -5.88 12.36
CA PHE B 120 -4.16 -5.38 11.73
C PHE B 120 -4.81 -4.32 12.62
N ASP B 121 -4.92 -3.08 12.13
CA ASP B 121 -5.39 -1.99 12.98
C ASP B 121 -6.88 -1.75 12.85
N ALA B 122 -7.41 -1.78 11.62
CA ALA B 122 -8.76 -1.30 11.36
C ALA B 122 -9.14 -1.55 9.90
N SER B 123 -10.45 -1.50 9.64
CA SER B 123 -10.98 -1.42 8.29
C SER B 123 -11.82 -0.16 8.21
N VAL B 124 -11.86 0.44 7.03
CA VAL B 124 -12.69 1.62 6.83
C VAL B 124 -13.36 1.60 5.47
O2P WFL C . -4.09 -8.18 19.21
P WFL C . -3.07 -8.45 18.12
O1P WFL C . -3.34 -9.82 17.53
N WFL C . -3.10 -7.27 16.94
CA WFL C . -3.89 -7.42 15.72
CB WFL C . -3.09 -8.06 14.61
CC WFL C . -1.83 -8.86 14.89
CD WFL C . -1.07 -9.57 13.78
O5' WFL C . -1.59 -8.43 18.77
C5' WFL C . -0.55 -7.61 18.22
C4' WFL C . -0.41 -6.28 18.97
C3' WFL C . -1.67 -5.73 19.66
O3' WFL C . -1.63 -5.93 21.08
C2' WFL C . -1.71 -4.25 19.31
O2' WFL C . -2.01 -3.47 20.49
C1' WFL C . -0.31 -4.01 18.73
O4' WFL C . 0.01 -5.24 18.07
N9 WFL C . -0.08 -2.75 17.93
C4 WFL C . 0.95 -2.52 17.07
C5 WFL C . 0.79 -1.22 16.61
N7 WFL C . -0.30 -0.67 17.19
C8 WFL C . -0.82 -1.62 18.02
N3 WFL C . 1.99 -3.25 16.56
C2 WFL C . 2.86 -2.73 15.66
N1 WFL C . 2.75 -1.46 15.22
C6 WFL C . 1.68 -0.71 15.70
N6 WFL C . 1.42 0.65 15.32
#